data_9DOP
#
_entry.id   9DOP
#
_cell.length_a   143.731
_cell.length_b   59.733
_cell.length_c   111.149
_cell.angle_alpha   90.000
_cell.angle_beta   122.441
_cell.angle_gamma   90.000
#
_symmetry.space_group_name_H-M   'C 1 2 1'
#
loop_
_entity.id
_entity.type
_entity.pdbx_description
1 polymer 'Protein-arginine deiminase type-4'
2 non-polymer 'CALCIUM ION'
3 non-polymer (2R)-2-amino-2-{1-[(5M)-5-(3,5-dichloropyridin-2-yl)isoquinolin-1-yl]piperidin-4-yl}-1-(pyrrolidin-1-yl)ethan-1-one
4 water water
#
_entity_poly.entity_id   1
_entity_poly.type   'polypeptide(L)'
_entity_poly.pdbx_seq_one_letter_code
;GPLGSPEFMAQGTLIRVTPEQPTHAVCVLGTLTQLDICSSAPEDCTSFSINASPGVVVDIAHSPPAKKKSTGSSTWPLDP
GVEVTLTMKAASGSTGDQKVQISYYGPKTPPVKALLYLTAVEISLCADITRTGKVKPTRAVKDQRTWTWGPCGQGAILLV
NCDRDNLESSAMDCEDDEVLDSEDLQDMSLMTLSTKTPKDFFTNHTLVLHVARSEMDKVRVFQATRGKLSSKCSVVLGPK
WPSHYLMVPGGKHNMDFYVEALAFPDTDFPGLITLTISLLDTSNLELPEAVVFQDSVVFRVAPWIMTPNTQPPQEVYACS
IFENEDFLKSVTTLAMKAKCKLTICPEEENMDDQWMQDEMEIGYIQAPHKTLPVVFDSPRNRGLKEFPIKRVMGPDFGYV
TRGPQTGGISGLDSFGNLEVSPPVTVRGKEYPLGRILFGDSCYPSNDSRQMHQALQDFLSAQQVQAPVKLYSDWLSVGHV
DEFLSFVPAPDRKGFRLLLASPRSCYKLFQEQQNEGHGEALLFEGIKKKKQQKIKNILSNKTLREHNSFVERCIDWNREL
LKRELGLAESDIIDIPQLFKLKEFSKAEAFFPNMVNMLVLGKHLGIPKPFGPVINGRCCLEEKVCSLLEPLGLQCTFIND
FFTYHIRHGEVHCGTNVRRKPFSFKWWNMVP
;
_entity_poly.pdbx_strand_id   A
#
# COMPACT_ATOMS: atom_id res chain seq x y z
N PHE A 8 -18.22 -19.98 -1.56
CA PHE A 8 -19.05 -20.10 -0.35
C PHE A 8 -18.79 -21.44 0.39
N MET A 9 -18.62 -22.56 -0.32
CA MET A 9 -18.57 -23.87 0.33
C MET A 9 -17.13 -24.38 0.46
N ALA A 10 -16.68 -24.47 1.70
CA ALA A 10 -15.32 -24.82 2.09
C ALA A 10 -15.21 -26.33 2.40
N GLN A 11 -13.97 -26.83 2.40
CA GLN A 11 -13.68 -28.26 2.44
C GLN A 11 -13.30 -28.70 3.85
N GLY A 12 -13.76 -29.89 4.24
CA GLY A 12 -13.52 -30.41 5.58
C GLY A 12 -12.84 -31.77 5.59
N THR A 13 -12.80 -32.43 6.75
CA THR A 13 -12.08 -33.69 6.87
C THR A 13 -12.93 -34.81 6.28
N LEU A 14 -12.38 -36.01 6.26
CA LEU A 14 -13.08 -37.24 5.94
C LEU A 14 -13.50 -37.91 7.24
N ILE A 15 -14.77 -38.30 7.33
CA ILE A 15 -15.31 -39.04 8.48
C ILE A 15 -15.46 -40.49 8.08
N ARG A 16 -14.62 -41.35 8.66
CA ARG A 16 -14.61 -42.77 8.34
C ARG A 16 -15.53 -43.49 9.31
N VAL A 17 -16.69 -43.92 8.84
CA VAL A 17 -17.62 -44.67 9.67
C VAL A 17 -17.24 -46.15 9.57
N THR A 18 -17.72 -46.95 10.53
CA THR A 18 -17.52 -48.40 10.52
C THR A 18 -18.79 -49.08 11.02
N PRO A 19 -19.20 -50.18 10.38
CA PRO A 19 -20.37 -50.92 10.87
C PRO A 19 -20.21 -51.44 12.27
N GLU A 20 -18.97 -51.59 12.78
CA GLU A 20 -18.77 -52.13 14.12
C GLU A 20 -19.27 -51.14 15.17
N GLN A 21 -18.39 -50.29 15.64
CA GLN A 21 -18.76 -49.27 16.58
C GLN A 21 -19.38 -48.08 15.85
N PRO A 22 -20.08 -47.19 16.56
CA PRO A 22 -20.54 -45.95 15.94
C PRO A 22 -19.45 -44.90 15.97
N THR A 23 -19.63 -43.89 15.14
CA THR A 23 -18.69 -42.81 14.99
C THR A 23 -19.35 -41.52 15.42
N HIS A 24 -18.59 -40.68 16.13
CA HIS A 24 -19.05 -39.38 16.61
C HIS A 24 -18.09 -38.32 16.07
N ALA A 25 -18.48 -37.60 15.03
CA ALA A 25 -17.66 -36.53 14.52
C ALA A 25 -18.34 -35.17 14.70
N VAL A 26 -17.53 -34.14 14.60
CA VAL A 26 -17.98 -32.76 14.60
C VAL A 26 -17.94 -32.32 13.15
N CYS A 27 -18.84 -31.41 12.79
CA CYS A 27 -18.79 -30.82 11.46
C CYS A 27 -18.97 -29.33 11.59
N VAL A 28 -18.16 -28.58 10.87
CA VAL A 28 -18.16 -27.13 11.01
C VAL A 28 -19.04 -26.54 9.91
N LEU A 29 -20.13 -25.89 10.33
CA LEU A 29 -21.01 -25.20 9.39
C LEU A 29 -20.21 -24.40 8.38
N GLY A 30 -20.45 -24.68 7.10
CA GLY A 30 -19.75 -24.04 6.01
C GLY A 30 -18.70 -24.91 5.35
N THR A 31 -18.48 -26.12 5.87
CA THR A 31 -17.47 -27.03 5.33
C THR A 31 -18.14 -28.29 4.83
N LEU A 32 -17.83 -28.68 3.60
CA LEU A 32 -18.22 -29.99 3.13
C LEU A 32 -17.49 -31.07 3.92
N THR A 33 -18.19 -32.17 4.18
CA THR A 33 -17.55 -33.30 4.81
C THR A 33 -17.70 -34.54 3.95
N GLN A 34 -16.62 -35.28 3.80
CA GLN A 34 -16.59 -36.50 3.02
C GLN A 34 -16.75 -37.71 3.94
N LEU A 35 -17.48 -38.70 3.46
CA LEU A 35 -17.82 -39.89 4.21
C LEU A 35 -17.17 -41.12 3.58
N ASP A 36 -16.51 -41.93 4.40
CA ASP A 36 -15.78 -43.11 3.94
C ASP A 36 -16.65 -44.34 4.15
N ILE A 37 -17.53 -44.56 3.19
CA ILE A 37 -18.43 -45.70 3.26
C ILE A 37 -17.71 -46.98 2.88
N CYS A 38 -16.83 -46.91 1.88
CA CYS A 38 -16.30 -48.13 1.29
C CYS A 38 -15.27 -48.80 2.20
N SER A 39 -14.46 -48.01 2.92
CA SER A 39 -13.55 -48.60 3.89
C SER A 39 -14.33 -49.11 5.09
N SER A 40 -13.89 -50.25 5.61
CA SER A 40 -14.51 -50.91 6.76
C SER A 40 -15.91 -51.48 6.52
N ALA A 41 -16.52 -51.22 5.35
CA ALA A 41 -17.80 -51.86 5.06
C ALA A 41 -17.59 -53.34 4.73
N PRO A 42 -18.62 -54.17 4.91
CA PRO A 42 -18.46 -55.61 4.69
C PRO A 42 -18.58 -56.03 3.23
N GLU A 43 -19.70 -56.65 2.89
CA GLU A 43 -19.98 -57.04 1.51
C GLU A 43 -21.47 -56.84 1.20
N THR A 46 -22.35 -55.42 -1.17
CA THR A 46 -22.87 -55.13 -2.51
C THR A 46 -23.32 -53.69 -2.65
N SER A 47 -24.51 -53.41 -2.16
CA SER A 47 -25.12 -52.10 -2.31
C SER A 47 -25.26 -51.45 -0.95
N PHE A 48 -25.74 -50.20 -0.96
CA PHE A 48 -25.91 -49.48 0.29
C PHE A 48 -26.90 -48.35 0.09
N SER A 49 -27.74 -48.13 1.09
CA SER A 49 -28.60 -46.97 1.20
C SER A 49 -28.08 -46.06 2.32
N ILE A 50 -28.65 -44.86 2.40
CA ILE A 50 -28.26 -43.90 3.42
C ILE A 50 -29.46 -43.02 3.75
N ASN A 51 -29.68 -42.83 5.04
CA ASN A 51 -30.77 -42.02 5.57
C ASN A 51 -30.25 -41.28 6.79
N ALA A 52 -30.46 -39.98 6.86
CA ALA A 52 -29.88 -39.15 7.90
C ALA A 52 -30.93 -38.25 8.55
N SER A 53 -30.52 -37.64 9.67
CA SER A 53 -31.37 -36.70 10.40
C SER A 53 -31.68 -35.46 9.55
N PRO A 54 -32.88 -34.88 9.73
CA PRO A 54 -33.35 -33.85 8.78
C PRO A 54 -32.46 -32.63 8.64
N GLY A 55 -31.40 -32.49 9.42
CA GLY A 55 -30.52 -31.33 9.27
C GLY A 55 -29.16 -31.67 8.68
N VAL A 56 -29.07 -32.82 8.01
CA VAL A 56 -27.85 -33.34 7.39
C VAL A 56 -28.15 -33.55 5.91
N VAL A 57 -27.52 -32.79 5.05
CA VAL A 57 -27.75 -32.87 3.60
C VAL A 57 -26.77 -33.86 3.00
N VAL A 58 -27.29 -34.89 2.34
CA VAL A 58 -26.46 -35.98 1.81
C VAL A 58 -26.50 -35.96 0.29
N ASP A 59 -25.38 -35.56 -0.33
CA ASP A 59 -25.18 -35.59 -1.78
C ASP A 59 -24.36 -36.81 -2.16
N ILE A 60 -24.88 -37.62 -3.08
CA ILE A 60 -24.18 -38.79 -3.61
C ILE A 60 -23.86 -38.54 -5.08
N ALA A 61 -22.62 -38.83 -5.46
CA ALA A 61 -22.22 -38.64 -6.84
C ALA A 61 -21.04 -39.55 -7.19
N SER A 74 -32.15 -43.42 -4.16
CA SER A 74 -32.19 -43.94 -2.80
C SER A 74 -31.50 -45.30 -2.69
N THR A 75 -30.81 -45.74 -3.74
CA THR A 75 -30.04 -46.97 -3.68
C THR A 75 -28.79 -46.83 -4.55
N TRP A 76 -27.69 -47.40 -4.08
CA TRP A 76 -26.36 -47.14 -4.61
C TRP A 76 -25.50 -48.37 -4.34
N PRO A 77 -24.41 -48.56 -5.10
CA PRO A 77 -23.59 -49.76 -4.92
C PRO A 77 -22.33 -49.49 -4.11
N LEU A 78 -21.52 -50.52 -3.86
CA LEU A 78 -20.30 -50.36 -3.08
C LEU A 78 -19.07 -49.99 -3.94
N ASP A 79 -19.28 -49.48 -5.15
CA ASP A 79 -18.15 -49.06 -5.97
C ASP A 79 -17.38 -47.94 -5.29
N PRO A 80 -16.06 -47.97 -5.31
CA PRO A 80 -15.29 -46.94 -4.58
C PRO A 80 -15.34 -45.56 -5.22
N GLY A 81 -16.16 -45.42 -6.27
CA GLY A 81 -16.29 -44.14 -6.96
C GLY A 81 -17.54 -43.36 -6.58
N VAL A 82 -18.04 -43.59 -5.37
CA VAL A 82 -19.22 -42.90 -4.87
C VAL A 82 -18.75 -41.84 -3.90
N GLU A 83 -18.75 -40.58 -4.36
CA GLU A 83 -18.44 -39.43 -3.50
C GLU A 83 -19.66 -39.17 -2.61
N VAL A 84 -19.62 -39.68 -1.38
CA VAL A 84 -20.60 -39.37 -0.35
C VAL A 84 -20.11 -38.11 0.37
N THR A 85 -20.83 -37.00 0.21
CA THR A 85 -20.48 -35.74 0.86
C THR A 85 -21.62 -35.30 1.75
N LEU A 86 -21.28 -34.84 2.95
CA LEU A 86 -22.22 -34.34 3.95
C LEU A 86 -22.06 -32.85 4.11
N THR A 87 -23.17 -32.15 4.30
CA THR A 87 -23.08 -30.80 4.85
C THR A 87 -24.14 -30.61 5.91
N MET A 88 -23.85 -29.72 6.86
CA MET A 88 -24.77 -29.45 7.96
C MET A 88 -25.65 -28.26 7.63
N LYS A 89 -26.89 -28.29 8.12
CA LYS A 89 -27.85 -27.23 7.81
C LYS A 89 -27.99 -26.20 8.94
N ALA A 90 -27.76 -26.60 10.19
CA ALA A 90 -27.79 -25.68 11.32
C ALA A 90 -26.97 -26.24 12.47
N ALA A 91 -26.42 -25.32 13.27
CA ALA A 91 -25.58 -25.69 14.41
C ALA A 91 -26.39 -26.49 15.44
N SER A 92 -25.68 -27.27 16.24
CA SER A 92 -26.35 -28.27 17.05
C SER A 92 -26.83 -27.70 18.38
N GLY A 93 -27.83 -28.38 18.93
CA GLY A 93 -28.32 -28.06 20.26
C GLY A 93 -27.51 -28.77 21.32
N SER A 94 -27.12 -30.03 21.04
CA SER A 94 -26.23 -30.76 21.94
C SER A 94 -25.45 -31.79 21.14
N THR A 95 -24.64 -32.58 21.85
CA THR A 95 -23.69 -33.48 21.20
C THR A 95 -24.39 -34.65 20.54
N GLY A 96 -24.03 -34.91 19.29
CA GLY A 96 -24.74 -35.93 18.54
C GLY A 96 -26.19 -35.58 18.27
N ASP A 97 -26.55 -34.31 18.46
CA ASP A 97 -27.79 -33.72 17.95
C ASP A 97 -28.31 -34.40 16.69
N GLN A 98 -27.44 -34.52 15.69
CA GLN A 98 -27.77 -35.01 14.36
C GLN A 98 -27.13 -36.39 14.16
N LYS A 99 -27.86 -37.32 13.53
CA LYS A 99 -27.39 -38.70 13.33
C LYS A 99 -27.33 -39.04 11.84
N VAL A 100 -26.44 -39.97 11.49
CA VAL A 100 -26.34 -40.50 10.12
C VAL A 100 -26.21 -42.01 10.21
N GLN A 101 -27.03 -42.74 9.42
CA GLN A 101 -26.99 -44.19 9.42
C GLN A 101 -26.77 -44.71 8.01
N ILE A 102 -25.86 -45.68 7.88
CA ILE A 102 -25.46 -46.22 6.59
C ILE A 102 -25.85 -47.69 6.54
N SER A 103 -26.57 -48.07 5.50
CA SER A 103 -26.92 -49.46 5.31
C SER A 103 -25.89 -50.13 4.42
N TYR A 104 -25.67 -51.43 4.64
CA TYR A 104 -24.72 -52.21 3.85
C TYR A 104 -25.36 -53.53 3.42
N TYR A 105 -26.59 -53.46 2.93
CA TYR A 105 -27.28 -54.63 2.44
C TYR A 105 -26.58 -55.21 1.22
N GLY A 106 -27.01 -56.41 0.84
CA GLY A 106 -26.55 -57.08 -0.35
C GLY A 106 -27.68 -57.92 -0.90
N PRO A 107 -27.39 -58.80 -1.86
CA PRO A 107 -28.48 -59.60 -2.46
C PRO A 107 -29.12 -60.57 -1.49
N LYS A 108 -28.32 -61.37 -0.79
CA LYS A 108 -28.82 -62.33 0.20
C LYS A 108 -28.60 -61.87 1.63
N THR A 109 -27.88 -60.77 1.83
CA THR A 109 -27.46 -60.25 3.14
C THR A 109 -28.54 -59.31 3.71
N PRO A 110 -28.88 -59.45 4.99
CA PRO A 110 -29.78 -58.49 5.62
C PRO A 110 -29.05 -57.21 5.96
N PRO A 111 -29.71 -56.05 5.80
CA PRO A 111 -29.02 -54.76 5.91
C PRO A 111 -28.19 -54.60 7.18
N VAL A 112 -26.93 -54.21 7.01
CA VAL A 112 -26.03 -53.98 8.13
C VAL A 112 -25.89 -52.49 8.35
N LYS A 113 -26.00 -52.05 9.60
CA LYS A 113 -26.00 -50.64 9.93
C LYS A 113 -24.63 -50.17 10.38
N ALA A 114 -24.27 -48.99 9.89
CA ALA A 114 -23.14 -48.19 10.35
C ALA A 114 -23.69 -46.88 10.87
N LEU A 115 -23.43 -46.58 12.14
CA LEU A 115 -23.89 -45.37 12.78
C LEU A 115 -22.83 -44.27 12.74
N LEU A 116 -23.30 -43.05 12.65
CA LEU A 116 -22.47 -41.85 12.71
C LEU A 116 -23.28 -40.77 13.40
N TYR A 117 -22.78 -40.28 14.54
CA TYR A 117 -23.45 -39.20 15.23
C TYR A 117 -22.64 -37.94 14.95
N LEU A 118 -23.28 -36.94 14.33
CA LEU A 118 -22.63 -35.67 14.07
C LEU A 118 -23.00 -34.65 15.12
N THR A 119 -22.13 -33.68 15.32
CA THR A 119 -22.41 -32.53 16.16
C THR A 119 -22.10 -31.28 15.36
N ALA A 120 -23.13 -30.51 15.08
CA ALA A 120 -22.93 -29.32 14.25
C ALA A 120 -22.39 -28.20 15.11
N VAL A 121 -21.50 -27.40 14.55
CA VAL A 121 -21.04 -26.21 15.24
C VAL A 121 -20.90 -25.14 14.18
N GLU A 122 -20.92 -23.91 14.63
CA GLU A 122 -20.56 -22.77 13.81
C GLU A 122 -19.25 -22.20 14.35
N ILE A 123 -18.28 -22.01 13.47
CA ILE A 123 -17.02 -21.37 13.81
C ILE A 123 -16.69 -20.52 12.61
N SER A 124 -16.86 -19.21 12.70
CA SER A 124 -16.55 -18.37 11.55
C SER A 124 -15.74 -17.14 11.98
N LEU A 125 -14.67 -16.91 11.25
CA LEU A 125 -13.86 -15.70 11.37
C LEU A 125 -14.43 -14.67 10.42
N CYS A 126 -15.08 -13.66 10.96
CA CYS A 126 -15.43 -12.53 10.12
C CYS A 126 -14.32 -11.48 10.25
N ALA A 127 -13.92 -10.91 9.11
CA ALA A 127 -13.03 -9.76 9.04
C ALA A 127 -13.22 -9.10 7.68
N ASP A 128 -12.71 -7.87 7.53
CA ASP A 128 -13.02 -7.10 6.32
C ASP A 128 -12.32 -7.65 5.08
N ILE A 129 -12.62 -8.88 4.69
CA ILE A 129 -11.86 -9.46 3.59
C ILE A 129 -12.31 -8.89 2.26
N THR A 130 -13.54 -8.40 2.17
CA THR A 130 -14.02 -7.81 0.93
C THR A 130 -13.60 -6.35 0.76
N ARG A 131 -12.92 -5.76 1.75
CA ARG A 131 -12.41 -4.40 1.64
C ARG A 131 -13.55 -3.41 1.30
N THR A 132 -14.60 -3.49 2.11
CA THR A 132 -15.71 -2.55 2.00
C THR A 132 -15.91 -1.78 3.29
N GLY A 133 -14.98 -1.91 4.25
CA GLY A 133 -15.16 -1.35 5.57
C GLY A 133 -15.99 -2.19 6.50
N LYS A 134 -16.82 -3.09 5.97
CA LYS A 134 -17.79 -3.88 6.73
C LYS A 134 -17.32 -5.33 6.83
N VAL A 135 -17.07 -5.76 8.07
CA VAL A 135 -16.55 -7.11 8.32
C VAL A 135 -17.54 -8.16 7.80
N LYS A 136 -17.01 -9.15 7.06
CA LYS A 136 -17.82 -10.19 6.45
C LYS A 136 -17.27 -11.58 6.82
N PRO A 137 -18.12 -12.60 6.90
CA PRO A 137 -17.66 -13.92 7.34
C PRO A 137 -16.74 -14.55 6.31
N THR A 138 -16.03 -15.60 6.75
CA THR A 138 -15.01 -16.20 5.90
C THR A 138 -15.62 -16.93 4.70
N ARG A 139 -16.78 -17.58 4.91
CA ARG A 139 -17.49 -18.28 3.85
C ARG A 139 -18.16 -17.33 2.86
N ALA A 140 -17.67 -16.09 2.72
CA ALA A 140 -18.18 -15.13 1.75
C ALA A 140 -17.27 -14.95 0.54
N VAL A 141 -15.98 -15.24 0.69
CA VAL A 141 -15.06 -15.26 -0.43
C VAL A 141 -15.03 -16.67 -1.02
N LYS A 142 -14.22 -16.89 -2.07
CA LYS A 142 -13.89 -18.24 -2.50
C LYS A 142 -12.63 -18.74 -1.79
N ASP A 143 -11.49 -18.10 -2.04
CA ASP A 143 -10.21 -18.48 -1.44
C ASP A 143 -9.93 -17.51 -0.29
N GLN A 144 -10.32 -17.91 0.93
CA GLN A 144 -10.07 -17.08 2.09
C GLN A 144 -8.59 -17.02 2.46
N ARG A 145 -7.76 -17.96 1.97
CA ARG A 145 -6.38 -18.07 2.41
C ARG A 145 -5.39 -17.47 1.43
N THR A 146 -5.84 -16.75 0.42
CA THR A 146 -4.92 -16.08 -0.48
C THR A 146 -5.39 -14.65 -0.73
N TRP A 147 -4.47 -13.70 -0.51
CA TRP A 147 -4.69 -12.26 -0.63
C TRP A 147 -4.43 -11.81 -2.06
N THR A 148 -5.42 -11.21 -2.69
CA THR A 148 -5.31 -10.82 -4.09
C THR A 148 -5.56 -9.32 -4.26
N TRP A 149 -4.86 -8.73 -5.23
CA TRP A 149 -4.93 -7.31 -5.51
C TRP A 149 -6.14 -6.99 -6.35
N GLY A 150 -6.43 -5.70 -6.48
CA GLY A 150 -7.42 -5.24 -7.43
C GLY A 150 -8.84 -5.36 -6.95
N PRO A 151 -9.75 -4.66 -7.65
CA PRO A 151 -11.18 -4.88 -7.43
C PRO A 151 -11.56 -6.31 -7.73
N CYS A 152 -12.74 -6.70 -7.24
CA CYS A 152 -13.15 -8.11 -7.25
C CYS A 152 -12.14 -9.01 -6.52
N GLY A 153 -11.33 -8.45 -5.61
CA GLY A 153 -10.30 -9.20 -4.92
C GLY A 153 -10.68 -9.49 -3.47
N GLN A 154 -9.88 -10.33 -2.82
CA GLN A 154 -10.07 -10.65 -1.41
C GLN A 154 -8.79 -10.39 -0.64
N GLY A 155 -8.95 -10.03 0.64
CA GLY A 155 -7.83 -9.86 1.53
C GLY A 155 -7.95 -8.62 2.38
N ALA A 156 -7.93 -8.79 3.71
CA ALA A 156 -8.16 -7.67 4.61
C ALA A 156 -6.89 -6.84 4.77
N ILE A 157 -7.07 -5.58 5.20
CA ILE A 157 -5.98 -4.61 5.29
C ILE A 157 -5.59 -4.36 6.74
N LEU A 158 -4.30 -4.10 6.98
CA LEU A 158 -3.81 -3.69 8.29
C LEU A 158 -3.05 -2.37 8.18
N LEU A 159 -3.21 -1.51 9.18
CA LEU A 159 -2.42 -0.31 9.29
C LEU A 159 -1.26 -0.56 10.23
N VAL A 160 -0.12 0.07 9.95
CA VAL A 160 0.97 -0.01 10.92
C VAL A 160 0.67 0.89 12.11
N ASN A 161 1.39 0.65 13.21
CA ASN A 161 1.11 1.38 14.45
C ASN A 161 1.57 2.84 14.35
N CYS A 162 2.85 3.09 14.09
CA CYS A 162 3.35 4.46 13.88
C CYS A 162 3.05 5.40 15.05
N ASP A 163 3.17 4.91 16.29
CA ASP A 163 2.98 5.78 17.46
C ASP A 163 3.78 5.26 18.63
N SER A 182 -9.58 2.07 23.70
CA SER A 182 -10.34 3.32 23.76
C SER A 182 -10.82 3.75 22.39
N GLU A 183 -10.39 4.94 22.00
CA GLU A 183 -10.52 5.44 20.64
C GLU A 183 -9.37 5.03 19.76
N ASP A 184 -8.32 4.48 20.38
CA ASP A 184 -7.16 3.93 19.72
C ASP A 184 -7.48 2.68 18.95
N LEU A 185 -8.73 2.21 19.06
CA LEU A 185 -9.18 1.14 18.20
C LEU A 185 -9.36 1.61 16.76
N GLN A 186 -9.55 2.93 16.57
CA GLN A 186 -9.79 3.50 15.25
C GLN A 186 -8.71 3.10 14.26
N ASP A 187 -7.44 3.10 14.67
CA ASP A 187 -6.33 2.80 13.75
C ASP A 187 -6.01 1.31 13.76
N MET A 188 -7.02 0.48 13.99
CA MET A 188 -6.83 -0.95 14.08
C MET A 188 -7.91 -1.67 13.31
N SER A 189 -7.60 -2.89 12.89
CA SER A 189 -8.55 -3.64 12.09
C SER A 189 -9.41 -4.50 13.00
N LEU A 190 -10.63 -4.78 12.53
CA LEU A 190 -11.58 -5.60 13.25
C LEU A 190 -11.55 -7.03 12.72
N MET A 191 -11.50 -7.99 13.63
CA MET A 191 -11.67 -9.40 13.28
C MET A 191 -12.53 -10.01 14.36
N THR A 192 -13.56 -10.75 13.96
CA THR A 192 -14.47 -11.32 14.93
C THR A 192 -14.56 -12.82 14.74
N LEU A 193 -14.95 -13.49 15.81
CA LEU A 193 -15.21 -14.91 15.81
C LEU A 193 -16.64 -15.10 16.26
N SER A 194 -17.45 -15.72 15.41
CA SER A 194 -18.83 -16.01 15.75
C SER A 194 -18.97 -17.52 15.79
N THR A 195 -19.40 -18.03 16.94
CA THR A 195 -19.39 -19.46 17.22
C THR A 195 -20.72 -19.83 17.87
N LYS A 196 -21.45 -20.76 17.24
CA LYS A 196 -22.71 -21.25 17.79
C LYS A 196 -22.54 -22.76 17.92
N THR A 197 -22.37 -23.23 19.15
CA THR A 197 -22.02 -24.60 19.47
C THR A 197 -22.92 -25.08 20.59
N PRO A 198 -22.88 -26.38 20.88
CA PRO A 198 -23.60 -26.87 22.06
C PRO A 198 -23.03 -26.32 23.35
N LYS A 199 -23.85 -26.37 24.41
CA LYS A 199 -23.44 -25.90 25.73
C LYS A 199 -22.16 -26.58 26.17
N ASP A 200 -22.14 -27.92 26.14
CA ASP A 200 -21.02 -28.73 26.56
C ASP A 200 -19.99 -28.92 25.44
N PHE A 201 -19.84 -27.98 24.51
CA PHE A 201 -18.98 -28.29 23.37
C PHE A 201 -17.51 -28.17 23.76
N PHE A 202 -17.13 -27.08 24.40
CA PHE A 202 -15.71 -26.84 24.65
C PHE A 202 -15.19 -27.59 25.88
N THR A 203 -16.01 -28.44 26.51
CA THR A 203 -15.48 -29.41 27.45
C THR A 203 -14.49 -30.36 26.77
N ASN A 204 -14.82 -30.85 25.57
CA ASN A 204 -13.94 -31.75 24.86
C ASN A 204 -13.31 -31.15 23.62
N HIS A 205 -13.58 -29.89 23.31
CA HIS A 205 -12.84 -29.22 22.25
C HIS A 205 -12.29 -27.90 22.78
N THR A 206 -11.42 -27.27 21.99
CA THR A 206 -10.88 -25.95 22.31
C THR A 206 -10.59 -25.21 21.01
N LEU A 207 -10.61 -23.90 21.07
CA LEU A 207 -10.20 -23.08 19.95
C LEU A 207 -8.88 -22.40 20.29
N VAL A 208 -7.99 -22.35 19.31
CA VAL A 208 -6.71 -21.66 19.44
C VAL A 208 -6.58 -20.69 18.29
N LEU A 209 -6.22 -19.46 18.61
CA LEU A 209 -5.90 -18.45 17.62
C LEU A 209 -4.38 -18.40 17.46
N HIS A 210 -3.91 -18.33 16.22
CA HIS A 210 -2.47 -18.41 16.06
C HIS A 210 -2.02 -17.72 14.79
N VAL A 211 -0.79 -17.21 14.86
CA VAL A 211 -0.12 -16.54 13.75
C VAL A 211 1.20 -17.26 13.51
N ALA A 212 1.58 -17.36 12.25
CA ALA A 212 2.83 -18.03 11.89
C ALA A 212 4.00 -17.37 12.59
N ARG A 213 4.94 -18.19 13.06
CA ARG A 213 6.07 -17.64 13.79
C ARG A 213 6.83 -16.57 12.98
N SER A 214 6.90 -16.72 11.66
CA SER A 214 7.66 -15.76 10.86
C SER A 214 6.94 -14.42 10.77
N GLU A 215 5.61 -14.45 10.82
CA GLU A 215 4.80 -13.22 10.84
C GLU A 215 4.53 -12.74 12.26
N MET A 216 4.97 -13.50 13.26
CA MET A 216 4.56 -13.27 14.64
C MET A 216 5.03 -11.93 15.16
N ASP A 217 6.24 -11.53 14.82
CA ASP A 217 6.76 -10.28 15.38
C ASP A 217 6.27 -9.05 14.63
N LYS A 218 5.34 -9.20 13.67
CA LYS A 218 4.88 -8.09 12.85
C LYS A 218 3.42 -7.76 13.07
N VAL A 219 2.77 -8.37 14.05
CA VAL A 219 1.35 -8.15 14.28
C VAL A 219 1.09 -8.15 15.78
N ARG A 220 -0.04 -7.55 16.18
CA ARG A 220 -0.46 -7.56 17.57
C ARG A 220 -1.97 -7.64 17.57
N VAL A 221 -2.52 -8.70 18.18
CA VAL A 221 -3.94 -8.96 18.17
C VAL A 221 -4.45 -8.83 19.58
N PHE A 222 -5.51 -8.03 19.77
CA PHE A 222 -6.13 -7.78 21.07
C PHE A 222 -7.53 -8.38 21.11
N GLN A 223 -7.91 -8.87 22.28
CA GLN A 223 -9.23 -9.40 22.53
C GLN A 223 -10.08 -8.30 23.15
N ALA A 224 -11.40 -8.42 23.01
CA ALA A 224 -12.35 -7.49 23.62
C ALA A 224 -12.17 -7.36 25.14
N SER A 234 -4.54 -7.72 27.15
CA SER A 234 -5.60 -8.22 26.28
C SER A 234 -5.01 -8.69 24.99
N VAL A 235 -3.68 -8.65 24.89
CA VAL A 235 -3.02 -9.06 23.66
C VAL A 235 -3.02 -10.59 23.60
N VAL A 236 -3.54 -11.14 22.51
CA VAL A 236 -3.60 -12.60 22.40
C VAL A 236 -2.42 -13.08 21.57
N LEU A 237 -2.45 -12.88 20.25
CA LEU A 237 -1.30 -13.13 19.40
C LEU A 237 -0.38 -11.91 19.37
N GLY A 238 0.91 -12.15 19.58
CA GLY A 238 1.82 -11.05 19.68
C GLY A 238 3.13 -11.30 18.98
N PRO A 239 4.09 -10.41 19.25
CA PRO A 239 5.44 -10.59 18.71
C PRO A 239 6.31 -11.53 19.52
N LYS A 240 5.75 -12.18 20.52
CA LYS A 240 6.43 -13.30 21.14
C LYS A 240 5.49 -14.46 21.44
N TRP A 241 4.20 -14.34 21.13
CA TRP A 241 3.23 -15.44 21.31
C TRP A 241 2.61 -15.74 19.97
N PRO A 242 3.02 -16.85 19.33
CA PRO A 242 2.49 -17.17 18.01
C PRO A 242 1.12 -17.84 18.04
N SER A 243 0.62 -18.17 19.23
CA SER A 243 -0.63 -18.89 19.39
C SER A 243 -1.13 -18.66 20.81
N HIS A 244 -2.45 -18.61 20.94
CA HIS A 244 -3.08 -18.35 22.24
C HIS A 244 -4.39 -19.09 22.31
N TYR A 245 -4.70 -19.65 23.49
CA TYR A 245 -5.88 -20.48 23.65
C TYR A 245 -7.10 -19.60 23.95
N LEU A 246 -8.06 -19.60 23.03
CA LEU A 246 -9.28 -18.85 23.25
C LEU A 246 -10.12 -19.54 24.31
N MET A 247 -10.57 -18.81 25.31
CA MET A 247 -11.59 -19.36 26.18
C MET A 247 -12.94 -18.94 25.63
N VAL A 248 -13.65 -19.89 25.06
CA VAL A 248 -14.95 -19.67 24.44
C VAL A 248 -15.95 -20.55 25.17
N PRO A 249 -17.13 -20.05 25.50
CA PRO A 249 -18.17 -20.87 26.11
C PRO A 249 -19.14 -21.46 25.08
N GLY A 250 -19.88 -22.46 25.54
CA GLY A 250 -20.90 -23.08 24.70
C GLY A 250 -21.99 -22.11 24.31
N GLY A 251 -22.82 -22.55 23.37
CA GLY A 251 -23.86 -21.70 22.88
C GLY A 251 -23.32 -20.72 21.85
N LYS A 252 -24.13 -19.71 21.55
CA LYS A 252 -23.78 -18.68 20.60
C LYS A 252 -22.90 -17.65 21.29
N HIS A 253 -21.80 -17.23 20.63
CA HIS A 253 -20.92 -16.24 21.26
C HIS A 253 -20.00 -15.60 20.25
N ASN A 254 -20.21 -14.31 19.98
CA ASN A 254 -19.34 -13.51 19.13
C ASN A 254 -18.32 -12.79 20.00
N MET A 255 -17.05 -12.94 19.67
CA MET A 255 -15.98 -12.24 20.36
C MET A 255 -15.06 -11.57 19.35
N ASP A 256 -14.57 -10.38 19.73
CA ASP A 256 -13.97 -9.45 18.80
C ASP A 256 -12.47 -9.32 19.03
N PHE A 257 -11.75 -9.22 17.93
CA PHE A 257 -10.31 -9.06 17.98
C PHE A 257 -9.94 -7.83 17.20
N TYR A 258 -8.91 -7.15 17.68
CA TYR A 258 -8.40 -5.93 17.08
C TYR A 258 -6.95 -6.18 16.70
N VAL A 259 -6.61 -5.88 15.44
CA VAL A 259 -5.32 -6.22 14.89
C VAL A 259 -4.64 -4.95 14.39
N GLU A 260 -3.43 -4.68 14.90
CA GLU A 260 -2.50 -3.68 14.37
C GLU A 260 -1.34 -4.41 13.72
N ALA A 261 -0.78 -3.80 12.67
CA ALA A 261 0.45 -4.28 12.06
C ALA A 261 1.61 -3.53 12.67
N LEU A 262 2.71 -4.22 12.93
CA LEU A 262 3.79 -3.61 13.66
C LEU A 262 4.95 -3.18 12.78
N ALA A 263 4.92 -3.53 11.49
CA ALA A 263 5.99 -3.11 10.60
C ALA A 263 5.47 -3.04 9.17
N PHE A 264 6.09 -2.15 8.39
CA PHE A 264 5.77 -1.92 7.00
C PHE A 264 6.37 -3.00 6.10
N PRO A 265 5.86 -3.15 4.88
CA PRO A 265 6.44 -4.13 3.95
C PRO A 265 7.84 -3.74 3.56
N ASP A 266 8.67 -4.74 3.32
CA ASP A 266 10.11 -4.56 3.10
C ASP A 266 10.69 -5.85 2.50
N THR A 267 12.00 -5.84 2.22
CA THR A 267 12.63 -7.05 1.69
C THR A 267 12.67 -8.20 2.67
N ASP A 268 12.38 -7.97 3.95
CA ASP A 268 12.25 -9.05 4.91
C ASP A 268 10.82 -9.32 5.28
N PHE A 269 9.88 -8.74 4.56
CA PHE A 269 8.46 -8.86 4.87
C PHE A 269 7.68 -8.44 3.63
N PRO A 270 7.15 -9.38 2.86
CA PRO A 270 6.35 -9.00 1.69
C PRO A 270 5.04 -8.34 2.04
N GLY A 271 4.65 -8.30 3.31
CA GLY A 271 3.47 -7.57 3.72
C GLY A 271 2.26 -8.40 4.06
N LEU A 272 2.33 -9.71 3.99
CA LEU A 272 1.20 -10.54 4.34
C LEU A 272 1.34 -11.01 5.77
N ILE A 273 0.19 -11.11 6.44
CA ILE A 273 0.02 -11.73 7.75
C ILE A 273 -1.31 -12.48 7.73
N THR A 274 -1.28 -13.78 8.04
CA THR A 274 -2.53 -14.54 8.15
C THR A 274 -2.71 -14.95 9.60
N LEU A 275 -3.88 -14.65 10.15
CA LEU A 275 -4.25 -15.17 11.46
C LEU A 275 -5.14 -16.38 11.25
N THR A 276 -4.94 -17.42 12.05
CA THR A 276 -5.67 -18.65 11.84
C THR A 276 -6.34 -19.11 13.13
N ILE A 277 -7.58 -19.58 12.97
CA ILE A 277 -8.34 -20.22 14.04
C ILE A 277 -8.24 -21.71 13.79
N SER A 278 -8.07 -22.48 14.87
CA SER A 278 -8.03 -23.94 14.77
C SER A 278 -8.97 -24.54 15.79
N LEU A 279 -9.78 -25.52 15.37
CA LEU A 279 -10.64 -26.27 16.29
C LEU A 279 -9.96 -27.58 16.65
N LEU A 280 -9.78 -27.80 17.95
CA LEU A 280 -9.02 -28.92 18.50
C LEU A 280 -9.93 -29.90 19.22
N ASP A 281 -9.66 -31.20 19.06
CA ASP A 281 -10.43 -32.25 19.72
C ASP A 281 -9.60 -32.67 20.93
N THR A 282 -9.98 -32.17 22.11
CA THR A 282 -9.30 -32.51 23.34
C THR A 282 -10.08 -33.51 24.17
N SER A 283 -10.93 -34.31 23.53
CA SER A 283 -11.75 -35.26 24.26
C SER A 283 -10.88 -36.35 24.87
N ASN A 284 -10.42 -37.31 24.06
CA ASN A 284 -9.57 -38.42 24.53
C ASN A 284 -8.34 -37.92 25.28
N LEU A 285 -8.38 -37.98 26.62
CA LEU A 285 -7.28 -37.44 27.42
C LEU A 285 -5.96 -38.15 27.13
N GLU A 286 -6.03 -39.42 26.72
CA GLU A 286 -4.83 -40.19 26.44
C GLU A 286 -4.07 -39.60 25.25
N LEU A 287 -4.70 -39.58 24.09
CA LEU A 287 -4.00 -39.13 22.89
C LEU A 287 -3.89 -37.60 22.85
N PRO A 288 -2.96 -37.07 22.08
CA PRO A 288 -2.84 -35.61 22.00
C PRO A 288 -4.09 -34.95 21.43
N GLU A 289 -3.97 -33.67 21.08
CA GLU A 289 -5.09 -32.94 20.52
C GLU A 289 -5.11 -33.15 19.03
N ALA A 290 -6.28 -33.51 18.50
CA ALA A 290 -6.44 -33.68 17.07
C ALA A 290 -7.09 -32.42 16.52
N VAL A 291 -6.45 -31.77 15.54
CA VAL A 291 -7.15 -30.71 14.83
C VAL A 291 -8.30 -31.33 14.07
N VAL A 292 -9.42 -30.62 14.07
CA VAL A 292 -10.56 -31.06 13.27
C VAL A 292 -11.02 -29.97 12.34
N PHE A 293 -10.45 -28.76 12.45
CA PHE A 293 -10.92 -27.67 11.61
C PHE A 293 -9.99 -26.48 11.76
N GLN A 294 -9.62 -25.89 10.65
CA GLN A 294 -8.79 -24.70 10.60
C GLN A 294 -9.39 -23.69 9.64
N ASP A 295 -9.37 -22.42 10.02
CA ASP A 295 -9.80 -21.38 9.10
C ASP A 295 -9.06 -20.10 9.48
N SER A 296 -8.88 -19.23 8.49
CA SER A 296 -7.97 -18.11 8.67
C SER A 296 -8.36 -16.96 7.76
N VAL A 297 -7.97 -15.75 8.17
CA VAL A 297 -8.00 -14.58 7.29
C VAL A 297 -6.58 -14.13 7.04
N VAL A 298 -6.37 -13.50 5.87
CA VAL A 298 -5.06 -13.04 5.42
C VAL A 298 -5.06 -11.52 5.39
N PHE A 299 -4.18 -10.90 6.15
CA PHE A 299 -4.10 -9.46 6.09
C PHE A 299 -2.95 -9.07 5.18
N ARG A 300 -3.08 -7.92 4.53
CA ARG A 300 -1.94 -7.26 3.91
C ARG A 300 -1.72 -5.92 4.59
N VAL A 301 -0.47 -5.64 4.94
CA VAL A 301 -0.14 -4.41 5.64
C VAL A 301 -0.14 -3.26 4.67
N ALA A 302 -0.82 -2.19 5.01
CA ALA A 302 -0.96 -1.08 4.10
C ALA A 302 0.42 -0.45 3.88
N PRO A 303 0.85 -0.30 2.65
CA PRO A 303 2.16 0.27 2.37
C PRO A 303 2.16 1.76 2.63
N TRP A 304 3.33 2.40 2.61
CA TRP A 304 3.40 3.84 2.74
C TRP A 304 3.27 4.46 1.37
N ILE A 305 2.32 5.36 1.20
CA ILE A 305 2.10 6.00 -0.09
C ILE A 305 2.53 7.46 0.01
N MET A 306 3.11 7.97 -1.08
CA MET A 306 3.69 9.32 -1.12
C MET A 306 2.83 10.24 -1.99
N THR A 307 2.88 11.55 -1.72
CA THR A 307 1.91 12.35 -2.47
C THR A 307 2.57 13.29 -3.47
N PRO A 308 2.05 13.34 -4.70
CA PRO A 308 2.65 14.18 -5.74
C PRO A 308 2.20 15.62 -5.61
N ASN A 309 2.98 16.52 -6.23
CA ASN A 309 2.65 17.94 -6.17
C ASN A 309 1.23 18.22 -6.65
N THR A 310 0.65 17.32 -7.44
CA THR A 310 -0.69 17.52 -8.00
C THR A 310 -1.80 17.11 -7.06
N GLN A 311 -1.50 16.53 -5.92
CA GLN A 311 -2.64 16.31 -5.04
C GLN A 311 -2.98 17.61 -4.32
N PRO A 312 -4.27 17.91 -4.13
CA PRO A 312 -4.64 19.09 -3.36
C PRO A 312 -3.91 19.11 -2.03
N PRO A 313 -3.34 20.24 -1.66
CA PRO A 313 -2.71 20.33 -0.34
C PRO A 313 -3.78 20.34 0.74
N GLN A 314 -3.36 20.04 1.95
CA GLN A 314 -4.22 20.21 3.10
C GLN A 314 -3.58 21.09 4.15
N GLU A 315 -2.35 20.80 4.57
CA GLU A 315 -1.69 21.62 5.57
C GLU A 315 -0.27 21.90 5.13
N VAL A 316 0.18 23.13 5.37
CA VAL A 316 1.56 23.51 5.20
C VAL A 316 2.17 23.67 6.58
N TYR A 317 3.37 23.16 6.75
CA TYR A 317 4.08 23.27 8.00
C TYR A 317 5.37 24.04 7.73
N ALA A 318 5.83 24.77 8.75
CA ALA A 318 7.09 25.48 8.67
C ALA A 318 7.62 25.73 10.07
N CYS A 319 8.92 25.48 10.25
CA CYS A 319 9.57 25.68 11.55
C CYS A 319 11.07 25.92 11.38
N ASP A 326 10.97 35.58 8.18
CA ASP A 326 10.80 36.61 7.16
C ASP A 326 9.87 36.14 6.06
N PHE A 327 10.45 35.49 5.05
CA PHE A 327 9.71 35.04 3.88
C PHE A 327 8.54 34.13 4.26
N LEU A 328 8.50 33.70 5.52
CA LEU A 328 7.34 33.01 6.04
C LEU A 328 6.08 33.85 5.92
N LYS A 329 6.21 35.17 5.81
CA LYS A 329 5.06 36.00 5.44
C LYS A 329 4.58 35.64 4.02
N SER A 330 5.50 35.65 3.05
CA SER A 330 5.13 35.34 1.68
C SER A 330 4.62 33.90 1.54
N VAL A 331 4.96 33.02 2.47
CA VAL A 331 4.40 31.68 2.45
C VAL A 331 2.96 31.70 2.94
N THR A 332 2.72 32.44 4.03
CA THR A 332 1.36 32.61 4.55
C THR A 332 0.43 33.23 3.52
N THR A 333 0.97 34.18 2.74
CA THR A 333 0.20 34.83 1.70
C THR A 333 -0.18 33.84 0.60
N LEU A 334 0.80 33.11 0.07
CA LEU A 334 0.48 32.07 -0.89
C LEU A 334 -0.55 31.11 -0.32
N ALA A 335 -0.37 30.72 0.94
CA ALA A 335 -1.27 29.74 1.56
C ALA A 335 -2.67 30.31 1.76
N MET A 336 -2.77 31.59 2.10
CA MET A 336 -4.07 32.24 2.15
C MET A 336 -4.80 32.12 0.81
N LYS A 337 -4.12 32.49 -0.29
CA LYS A 337 -4.76 32.46 -1.60
C LYS A 337 -5.14 31.05 -2.04
N ALA A 338 -4.40 30.04 -1.61
CA ALA A 338 -4.70 28.68 -2.01
C ALA A 338 -5.70 27.99 -1.09
N LYS A 339 -6.15 28.67 -0.04
CA LYS A 339 -7.10 28.10 0.91
C LYS A 339 -6.57 26.82 1.52
N CYS A 340 -5.64 26.97 2.47
CA CYS A 340 -4.88 25.85 3.01
C CYS A 340 -4.27 26.24 4.35
N LYS A 341 -4.29 25.30 5.30
CA LYS A 341 -3.83 25.54 6.67
C LYS A 341 -2.30 25.57 6.75
N LEU A 342 -1.80 26.28 7.77
CA LEU A 342 -0.39 26.59 7.87
C LEU A 342 -0.03 26.78 9.34
N THR A 343 1.03 26.12 9.78
CA THR A 343 1.47 26.23 11.17
C THR A 343 2.93 26.67 11.23
N ILE A 344 3.35 27.11 12.41
CA ILE A 344 4.74 27.49 12.65
C ILE A 344 5.16 26.99 14.03
N CYS A 345 6.39 26.49 14.12
CA CYS A 345 6.95 25.96 15.36
C CYS A 345 8.28 26.65 15.72
N PRO A 346 8.33 27.48 16.78
CA PRO A 346 9.52 28.28 17.18
C PRO A 346 10.61 27.54 17.97
N GLN A 357 12.93 20.79 8.25
CA GLN A 357 13.70 20.69 7.00
C GLN A 357 13.10 19.65 6.03
N ASP A 358 13.60 19.59 4.78
CA ASP A 358 13.21 18.56 3.81
C ASP A 358 14.03 17.28 3.94
N GLU A 359 14.45 16.95 5.17
CA GLU A 359 14.91 15.62 5.52
C GLU A 359 13.76 14.73 6.02
N MET A 360 12.52 15.13 5.73
CA MET A 360 11.35 14.30 5.99
C MET A 360 10.38 14.42 4.83
N GLU A 361 9.35 13.59 4.88
CA GLU A 361 8.33 13.55 3.86
C GLU A 361 7.04 12.99 4.46
N ILE A 362 5.92 13.59 4.06
CA ILE A 362 4.63 13.31 4.66
C ILE A 362 3.83 12.54 3.64
N GLY A 363 3.70 11.22 3.87
CA GLY A 363 2.86 10.35 3.10
C GLY A 363 1.58 9.99 3.83
N TYR A 364 0.97 8.89 3.41
CA TYR A 364 -0.19 8.37 4.13
C TYR A 364 -0.26 6.84 4.03
N ILE A 365 -0.93 6.23 5.01
CA ILE A 365 -1.28 4.81 4.97
C ILE A 365 -2.80 4.70 5.02
N GLN A 366 -3.34 3.73 4.30
CA GLN A 366 -4.77 3.77 3.98
C GLN A 366 -5.40 2.39 4.10
N ALA A 367 -6.49 2.32 4.83
CA ALA A 367 -7.29 1.11 4.88
C ALA A 367 -8.74 1.52 4.77
N PRO A 368 -9.63 0.61 4.36
CA PRO A 368 -11.06 0.96 4.19
C PRO A 368 -11.65 1.77 5.32
N HIS A 369 -11.30 1.43 6.56
CA HIS A 369 -11.93 2.06 7.73
C HIS A 369 -11.18 3.29 8.24
N LYS A 370 -9.91 3.47 7.89
CA LYS A 370 -9.15 4.58 8.45
C LYS A 370 -8.02 4.94 7.53
N THR A 371 -7.86 6.22 7.28
CA THR A 371 -6.74 6.74 6.54
C THR A 371 -6.02 7.73 7.45
N LEU A 372 -4.70 7.66 7.51
CA LEU A 372 -4.01 8.67 8.30
C LEU A 372 -2.67 9.01 7.68
N PRO A 373 -2.18 10.23 7.89
CA PRO A 373 -0.86 10.62 7.40
C PRO A 373 0.24 10.04 8.28
N VAL A 374 1.41 9.86 7.67
CA VAL A 374 2.61 9.39 8.37
C VAL A 374 3.79 10.17 7.84
N VAL A 375 4.72 10.52 8.74
CA VAL A 375 5.92 11.24 8.35
C VAL A 375 7.12 10.30 8.45
N PHE A 376 7.95 10.31 7.43
CA PHE A 376 9.18 9.55 7.39
C PHE A 376 10.34 10.53 7.51
N ASP A 377 11.28 10.26 8.43
CA ASP A 377 12.48 11.08 8.58
C ASP A 377 13.72 10.23 8.31
N SER A 378 14.65 10.77 7.51
CA SER A 378 15.91 10.08 7.14
C SER A 378 16.84 9.88 8.35
N MET A 393 9.02 17.79 18.21
CA MET A 393 8.29 16.83 17.39
C MET A 393 7.13 17.50 16.63
N GLY A 394 6.68 16.85 15.56
CA GLY A 394 5.60 17.35 14.72
C GLY A 394 4.33 16.54 14.88
N PRO A 395 3.19 17.06 14.34
CA PRO A 395 1.91 16.32 14.45
C PRO A 395 1.75 15.24 13.38
N ASP A 396 0.81 15.45 12.44
CA ASP A 396 0.57 14.53 11.31
C ASP A 396 0.31 13.09 11.78
N PHE A 397 -0.17 12.92 13.02
CA PHE A 397 -0.60 11.66 13.64
C PHE A 397 0.13 10.43 13.09
N GLY A 398 1.44 10.42 13.24
CA GLY A 398 2.25 9.29 12.83
C GLY A 398 3.64 9.73 12.40
N TYR A 399 4.62 8.90 12.73
CA TYR A 399 6.03 9.18 12.47
C TYR A 399 6.77 7.86 12.31
N VAL A 400 7.78 7.86 11.45
CA VAL A 400 8.61 6.67 11.23
C VAL A 400 10.04 7.11 10.99
N THR A 401 11.01 6.33 11.49
CA THR A 401 12.40 6.74 11.21
C THR A 401 13.36 5.62 10.85
N SER A 410 25.08 9.05 2.35
CA SER A 410 25.37 10.07 1.33
C SER A 410 24.28 11.14 1.19
N GLY A 411 24.55 12.12 0.31
CA GLY A 411 23.54 13.12 -0.02
C GLY A 411 22.35 12.59 -0.78
N LEU A 412 22.53 11.50 -1.53
CA LEU A 412 21.40 11.04 -2.31
C LEU A 412 20.33 10.39 -1.44
N ASP A 413 20.62 10.17 -0.16
CA ASP A 413 19.69 9.44 0.70
C ASP A 413 18.57 10.32 1.28
N SER A 414 18.18 11.43 0.64
CA SER A 414 17.27 12.40 1.23
C SER A 414 15.95 12.48 0.49
N PHE A 415 14.89 12.85 1.21
CA PHE A 415 13.61 12.97 0.54
C PHE A 415 13.60 14.10 -0.47
N GLY A 416 14.66 14.91 -0.46
CA GLY A 416 14.86 15.78 -1.59
C GLY A 416 15.20 15.04 -2.86
N ASN A 417 15.56 13.75 -2.72
CA ASN A 417 15.89 12.93 -3.88
C ASN A 417 14.76 11.97 -4.23
N LEU A 418 13.53 12.40 -3.94
CA LEU A 418 12.32 11.58 -4.11
C LEU A 418 11.23 12.53 -4.59
N GLU A 419 10.86 12.44 -5.86
CA GLU A 419 9.63 13.09 -6.29
C GLU A 419 8.63 12.02 -6.68
N VAL A 420 7.35 12.38 -6.68
CA VAL A 420 6.33 11.42 -7.03
C VAL A 420 5.55 11.95 -8.21
N SER A 421 5.43 11.14 -9.26
CA SER A 421 4.69 11.49 -10.45
C SER A 421 3.20 11.59 -10.13
N PRO A 422 2.40 12.09 -11.06
CA PRO A 422 0.96 12.00 -10.90
C PRO A 422 0.43 10.71 -11.47
N PRO A 423 -0.83 10.36 -11.20
CA PRO A 423 -1.43 9.20 -11.86
C PRO A 423 -1.14 9.24 -13.35
N VAL A 424 -0.63 8.11 -13.86
CA VAL A 424 -0.25 8.00 -15.25
C VAL A 424 -0.54 6.59 -15.73
N THR A 425 -0.53 6.42 -17.04
CA THR A 425 -0.66 5.12 -17.67
C THR A 425 0.37 5.02 -18.77
N VAL A 426 1.23 3.99 -18.71
CA VAL A 426 2.30 3.82 -19.67
C VAL A 426 2.07 2.51 -20.41
N ARG A 427 2.01 2.59 -21.74
CA ARG A 427 1.75 1.44 -22.61
C ARG A 427 0.71 0.50 -22.01
N GLY A 428 -0.39 1.08 -21.56
CA GLY A 428 -1.50 0.29 -21.05
C GLY A 428 -1.47 -0.02 -19.57
N LYS A 429 -0.32 0.09 -18.91
CA LYS A 429 -0.23 -0.18 -17.47
C LYS A 429 -0.58 1.08 -16.69
N GLU A 430 -1.51 0.94 -15.74
CA GLU A 430 -2.02 2.06 -14.96
C GLU A 430 -1.23 2.20 -13.67
N TYR A 431 -0.74 3.41 -13.39
CA TYR A 431 -0.04 3.71 -12.13
C TYR A 431 -0.81 4.76 -11.35
N PRO A 432 -2.01 4.41 -10.88
CA PRO A 432 -2.98 5.45 -10.47
C PRO A 432 -2.61 6.16 -9.19
N LEU A 433 -1.52 5.77 -8.52
CA LEU A 433 -1.04 6.55 -7.39
C LEU A 433 0.31 7.18 -7.70
N GLY A 434 0.69 7.20 -8.98
CA GLY A 434 1.94 7.79 -9.38
C GLY A 434 3.06 6.76 -9.41
N ARG A 435 4.25 7.24 -9.78
CA ARG A 435 5.48 6.47 -9.69
C ARG A 435 6.53 7.32 -8.97
N ILE A 436 7.27 6.71 -8.05
CA ILE A 436 8.27 7.43 -7.27
C ILE A 436 9.56 7.53 -8.08
N LEU A 437 10.01 8.75 -8.32
CA LEU A 437 11.26 9.01 -9.03
C LEU A 437 12.36 9.35 -8.02
N PHE A 438 13.50 8.66 -8.09
CA PHE A 438 14.59 9.00 -7.21
C PHE A 438 15.89 9.14 -7.99
N GLY A 439 16.81 9.90 -7.45
CA GLY A 439 18.07 10.11 -8.16
C GLY A 439 18.99 8.92 -8.05
N ASP A 440 20.04 8.93 -8.87
CA ASP A 440 21.04 7.86 -8.88
C ASP A 440 22.08 8.21 -9.91
N SER A 441 23.16 7.43 -9.92
CA SER A 441 24.11 7.55 -11.01
C SER A 441 23.59 6.79 -12.22
N CYS A 442 24.24 7.01 -13.36
CA CYS A 442 23.90 6.23 -14.55
C CYS A 442 24.61 4.88 -14.53
N TYR A 443 25.91 4.82 -14.20
CA TYR A 443 26.55 3.55 -13.90
C TYR A 443 27.40 3.67 -12.65
N PRO A 444 27.56 2.58 -11.88
CA PRO A 444 28.33 2.65 -10.64
C PRO A 444 29.83 2.70 -10.90
N SER A 445 30.50 3.68 -10.30
CA SER A 445 31.96 3.83 -10.33
C SER A 445 32.47 4.07 -8.91
N ASN A 446 33.79 4.28 -8.79
CA ASN A 446 34.32 4.67 -7.49
C ASN A 446 33.70 5.97 -7.00
N ASP A 447 33.81 7.02 -7.82
CA ASP A 447 33.35 8.36 -7.48
C ASP A 447 31.85 8.56 -7.66
N SER A 448 31.08 7.53 -7.98
CA SER A 448 29.66 7.71 -8.19
C SER A 448 28.88 7.38 -6.93
N ARG A 449 27.89 8.21 -6.64
CA ARG A 449 26.99 8.02 -5.52
C ARG A 449 25.73 7.27 -5.96
N GLN A 450 25.04 6.73 -4.97
CA GLN A 450 23.76 6.05 -5.19
C GLN A 450 22.93 6.22 -3.94
N MET A 451 21.61 6.14 -4.09
CA MET A 451 20.77 6.14 -2.90
C MET A 451 20.94 4.81 -2.18
N HIS A 452 20.95 4.84 -0.83
CA HIS A 452 21.28 3.63 -0.08
C HIS A 452 20.39 2.49 -0.50
N GLN A 453 20.98 1.30 -0.64
CA GLN A 453 20.23 0.19 -1.23
C GLN A 453 18.95 -0.10 -0.44
N ALA A 454 18.97 0.10 0.88
CA ALA A 454 17.82 -0.23 1.71
C ALA A 454 16.71 0.80 1.60
N LEU A 455 17.03 2.02 1.19
CA LEU A 455 15.98 2.96 0.82
C LEU A 455 15.32 2.54 -0.49
N GLN A 456 16.12 2.24 -1.52
CA GLN A 456 15.53 1.82 -2.79
C GLN A 456 14.66 0.60 -2.60
N ASP A 457 15.12 -0.33 -1.78
CA ASP A 457 14.40 -1.58 -1.62
C ASP A 457 13.12 -1.38 -0.83
N PHE A 458 13.12 -0.43 0.09
CA PHE A 458 11.91 -0.15 0.86
C PHE A 458 10.86 0.56 0.02
N LEU A 459 11.28 1.58 -0.73
CA LEU A 459 10.36 2.16 -1.71
C LEU A 459 9.76 1.07 -2.60
N SER A 460 10.63 0.29 -3.23
CA SER A 460 10.13 -0.78 -4.09
C SER A 460 9.24 -1.74 -3.33
N ALA A 461 9.54 -1.97 -2.04
CA ALA A 461 8.78 -2.99 -1.32
C ALA A 461 7.31 -2.61 -1.18
N GLN A 462 7.00 -1.32 -1.19
CA GLN A 462 5.60 -0.94 -1.13
C GLN A 462 4.87 -1.22 -2.43
N GLN A 463 5.58 -1.43 -3.56
CA GLN A 463 4.95 -1.85 -4.83
C GLN A 463 4.08 -0.78 -5.48
N VAL A 464 3.00 -0.39 -4.78
CA VAL A 464 2.00 0.58 -5.19
C VAL A 464 2.48 1.80 -5.99
N GLN A 465 3.78 2.12 -5.91
CA GLN A 465 4.26 3.30 -6.62
C GLN A 465 5.63 3.00 -7.25
N ALA A 466 5.73 1.86 -7.95
CA ALA A 466 6.89 1.32 -8.66
C ALA A 466 7.95 2.38 -8.91
N PRO A 467 9.00 2.42 -8.09
CA PRO A 467 10.00 3.46 -8.22
C PRO A 467 10.57 3.52 -9.63
N VAL A 468 11.23 4.63 -9.93
CA VAL A 468 11.88 4.87 -11.22
C VAL A 468 13.23 5.52 -10.93
N LYS A 469 14.30 4.79 -11.17
CA LYS A 469 15.65 5.29 -11.00
C LYS A 469 15.94 6.31 -12.09
N LEU A 470 16.45 7.48 -11.70
CA LEU A 470 16.87 8.55 -12.59
C LEU A 470 18.35 8.85 -12.40
N TYR A 471 18.89 9.68 -13.30
CA TYR A 471 20.28 10.14 -13.24
C TYR A 471 20.32 11.54 -12.64
N SER A 472 20.78 11.65 -11.39
CA SER A 472 21.05 12.94 -10.76
C SER A 472 22.41 13.06 -10.11
N ASP A 473 23.24 12.03 -10.15
CA ASP A 473 24.54 12.14 -9.52
C ASP A 473 25.36 13.29 -10.09
N TRP A 474 25.00 13.79 -11.28
CA TRP A 474 25.74 14.89 -11.88
C TRP A 474 25.55 16.19 -11.10
N LEU A 475 24.63 16.22 -10.15
CA LEU A 475 24.35 17.43 -9.39
C LEU A 475 25.18 17.48 -8.12
N SER A 476 25.64 18.68 -7.75
CA SER A 476 26.42 18.82 -6.53
C SER A 476 25.72 18.16 -5.37
N VAL A 477 24.46 18.52 -5.14
CA VAL A 477 23.70 17.94 -4.04
C VAL A 477 23.18 16.57 -4.43
N GLY A 478 22.69 16.40 -5.65
CA GLY A 478 22.22 15.11 -6.11
C GLY A 478 20.73 14.89 -6.13
N HIS A 479 19.92 15.89 -5.87
CA HIS A 479 18.49 15.64 -5.73
C HIS A 479 17.72 15.73 -7.04
N VAL A 480 16.77 14.83 -7.24
CA VAL A 480 15.87 14.96 -8.37
C VAL A 480 15.12 16.28 -8.31
N ASP A 481 14.71 16.70 -7.11
CA ASP A 481 13.97 17.97 -6.92
C ASP A 481 14.73 19.15 -7.46
N GLU A 482 15.98 18.98 -7.86
CA GLU A 482 16.77 20.10 -8.34
C GLU A 482 16.55 20.42 -9.80
N PHE A 483 15.95 19.51 -10.55
CA PHE A 483 15.70 19.77 -11.96
C PHE A 483 14.35 19.25 -12.46
N LEU A 484 13.50 18.67 -11.61
CA LEU A 484 12.13 18.40 -12.07
C LEU A 484 11.10 18.69 -10.99
N SER A 485 9.87 18.88 -11.46
CA SER A 485 8.73 19.18 -10.61
C SER A 485 7.49 19.03 -11.47
N PHE A 486 6.36 18.82 -10.82
CA PHE A 486 5.10 18.68 -11.51
C PHE A 486 4.16 19.77 -11.04
N VAL A 487 3.28 20.20 -11.93
CA VAL A 487 2.20 21.12 -11.59
C VAL A 487 0.91 20.64 -12.23
N PRO A 488 -0.23 21.05 -11.70
CA PRO A 488 -1.51 20.61 -12.26
C PRO A 488 -1.87 21.44 -13.50
N ALA A 489 -2.33 20.74 -14.53
CA ALA A 489 -2.86 21.43 -15.69
C ALA A 489 -4.29 20.99 -15.90
N PRO A 490 -5.12 21.85 -16.49
CA PRO A 490 -6.51 21.44 -16.72
C PRO A 490 -6.73 20.62 -17.98
N ASP A 491 -5.72 20.44 -18.83
CA ASP A 491 -5.84 19.80 -20.14
C ASP A 491 -4.94 18.56 -20.22
N ARG A 492 -4.76 18.05 -21.45
CA ARG A 492 -4.04 16.80 -21.70
C ARG A 492 -4.29 15.76 -20.61
N LYS A 493 -3.22 15.20 -20.05
CA LYS A 493 -3.31 14.22 -18.98
C LYS A 493 -3.61 14.84 -17.62
N GLY A 494 -3.92 16.11 -17.56
CA GLY A 494 -4.20 16.75 -16.29
C GLY A 494 -2.99 17.28 -15.56
N PHE A 495 -1.81 17.25 -16.16
CA PHE A 495 -0.64 17.74 -15.48
C PHE A 495 0.40 18.14 -16.51
N ARG A 496 1.46 18.77 -16.01
CA ARG A 496 2.67 18.98 -16.78
C ARG A 496 3.87 18.64 -15.92
N LEU A 497 4.91 18.14 -16.57
CA LEU A 497 6.21 17.97 -15.97
C LEU A 497 7.05 19.19 -16.27
N LEU A 498 7.50 19.88 -15.24
CA LEU A 498 8.49 20.93 -15.38
C LEU A 498 9.87 20.31 -15.38
N LEU A 499 10.73 20.74 -16.30
CA LEU A 499 12.14 20.38 -16.31
C LEU A 499 12.95 21.65 -16.40
N ALA A 500 14.06 21.71 -15.65
CA ALA A 500 14.99 22.82 -15.79
C ALA A 500 15.57 22.81 -17.19
N SER A 501 15.85 23.99 -17.72
CA SER A 501 16.34 23.99 -19.10
C SER A 501 17.36 25.10 -19.23
N PRO A 502 18.63 24.75 -19.42
CA PRO A 502 19.61 25.81 -19.71
C PRO A 502 19.41 26.44 -21.08
N ARG A 503 19.08 25.66 -22.11
CA ARG A 503 18.89 26.26 -23.43
C ARG A 503 17.68 27.19 -23.47
N SER A 504 16.64 26.89 -22.68
CA SER A 504 15.49 27.79 -22.61
C SER A 504 15.89 29.15 -22.08
N CYS A 505 16.79 29.18 -21.10
CA CYS A 505 17.28 30.43 -20.54
C CYS A 505 18.22 31.15 -21.50
N TYR A 506 19.17 30.42 -22.08
CA TYR A 506 20.04 31.01 -23.10
C TYR A 506 19.23 31.71 -24.18
N LYS A 507 18.25 31.02 -24.77
CA LYS A 507 17.47 31.65 -25.85
C LYS A 507 16.79 32.94 -25.37
N LEU A 508 16.30 32.95 -24.13
CA LEU A 508 15.70 34.17 -23.59
C LEU A 508 16.74 35.28 -23.45
N PHE A 509 17.91 34.96 -22.90
CA PHE A 509 18.97 35.95 -22.79
C PHE A 509 19.45 36.43 -24.15
N GLN A 510 19.50 35.52 -25.13
CA GLN A 510 19.90 35.91 -26.48
C GLN A 510 18.83 36.76 -27.15
N GLU A 511 17.56 36.39 -26.98
CA GLU A 511 16.50 37.28 -27.42
C GLU A 511 16.65 38.66 -26.78
N GLN A 512 17.09 38.70 -25.51
CA GLN A 512 17.28 39.98 -24.83
C GLN A 512 18.48 40.74 -25.41
N GLN A 513 19.63 40.07 -25.56
CA GLN A 513 20.82 40.75 -26.06
C GLN A 513 20.64 41.20 -27.51
N ASN A 514 20.02 40.35 -28.34
CA ASN A 514 19.71 40.74 -29.70
C ASN A 514 18.92 42.03 -29.78
N GLU A 515 18.33 42.47 -28.68
CA GLU A 515 17.56 43.70 -28.62
C GLU A 515 18.32 44.83 -27.93
N GLY A 516 19.61 44.67 -27.67
CA GLY A 516 20.42 45.73 -27.10
C GLY A 516 20.38 45.83 -25.59
N HIS A 517 20.19 44.71 -24.89
CA HIS A 517 20.12 44.73 -23.44
C HIS A 517 21.24 43.93 -22.78
N GLY A 518 22.33 43.68 -23.51
CA GLY A 518 23.47 42.97 -22.95
C GLY A 518 24.04 43.57 -21.69
N GLU A 519 23.79 44.85 -21.45
CA GLU A 519 24.24 45.45 -20.20
C GLU A 519 23.27 45.20 -19.06
N ALA A 520 22.17 44.46 -19.30
CA ALA A 520 21.22 44.21 -18.22
C ALA A 520 21.85 43.28 -17.19
N LEU A 521 22.04 43.78 -15.99
CA LEU A 521 22.74 43.02 -14.96
C LEU A 521 21.81 41.96 -14.37
N LEU A 522 22.28 40.72 -14.32
CA LEU A 522 21.60 39.69 -13.57
C LEU A 522 21.99 39.80 -12.10
N PHE A 523 21.11 39.30 -11.23
CA PHE A 523 21.23 39.50 -9.78
C PHE A 523 21.19 40.99 -9.43
N LYS A 528 27.48 33.97 -3.86
CA LYS A 528 26.11 34.37 -4.19
C LYS A 528 25.97 35.88 -4.10
N LYS A 529 26.81 36.59 -4.85
CA LYS A 529 26.81 38.06 -4.80
C LYS A 529 27.28 38.70 -6.10
N LYS A 530 28.40 38.24 -6.67
CA LYS A 530 29.05 38.93 -7.78
C LYS A 530 28.14 39.05 -9.01
N GLN A 531 27.72 40.28 -9.33
CA GLN A 531 26.75 40.49 -10.41
C GLN A 531 27.42 40.35 -11.79
N GLN A 532 26.58 40.11 -12.81
CA GLN A 532 27.06 39.99 -14.19
C GLN A 532 25.99 40.43 -15.16
N LYS A 533 26.37 41.25 -16.15
CA LYS A 533 25.48 41.58 -17.24
C LYS A 533 25.34 40.38 -18.16
N ILE A 534 24.19 40.29 -18.84
CA ILE A 534 23.93 39.11 -19.66
C ILE A 534 24.93 39.01 -20.82
N LYS A 535 25.43 40.15 -21.28
CA LYS A 535 26.42 40.14 -22.36
C LYS A 535 27.65 39.34 -21.97
N ASN A 536 28.05 39.43 -20.71
CA ASN A 536 29.14 38.59 -20.18
C ASN A 536 28.72 37.13 -20.10
N ILE A 537 27.46 36.88 -19.71
CA ILE A 537 27.01 35.53 -19.44
C ILE A 537 26.92 34.72 -20.74
N LEU A 538 26.37 35.32 -21.80
CA LEU A 538 26.31 34.63 -23.09
C LEU A 538 27.68 34.51 -23.72
N SER A 539 28.54 35.51 -23.50
CA SER A 539 29.89 35.47 -24.05
C SER A 539 30.74 34.41 -23.37
N ASN A 540 30.50 34.15 -22.09
CA ASN A 540 31.25 33.13 -21.37
C ASN A 540 31.12 31.81 -22.11
N LYS A 541 32.18 31.44 -22.83
CA LYS A 541 32.17 30.16 -23.56
C LYS A 541 32.21 28.98 -22.59
N THR A 542 32.86 29.14 -21.44
CA THR A 542 32.90 28.08 -20.44
C THR A 542 31.50 27.81 -19.87
N LEU A 543 30.82 28.86 -19.43
CA LEU A 543 29.42 28.70 -19.01
C LEU A 543 28.59 28.01 -20.08
N ARG A 544 28.91 28.24 -21.36
CA ARG A 544 28.15 27.58 -22.40
C ARG A 544 28.37 26.08 -22.36
N GLU A 545 29.60 25.63 -22.10
CA GLU A 545 29.85 24.20 -22.09
C GLU A 545 29.20 23.54 -20.88
N HIS A 546 29.37 24.13 -19.71
CA HIS A 546 28.68 23.59 -18.54
C HIS A 546 27.20 23.42 -18.83
N ASN A 547 26.55 24.47 -19.33
CA ASN A 547 25.12 24.38 -19.57
C ASN A 547 24.75 23.49 -20.75
N SER A 548 25.66 23.27 -21.70
CA SER A 548 25.40 22.22 -22.68
C SER A 548 25.42 20.85 -22.01
N PHE A 549 26.48 20.54 -21.28
CA PHE A 549 26.57 19.24 -20.60
C PHE A 549 25.40 19.03 -19.66
N VAL A 550 25.11 20.02 -18.82
CA VAL A 550 23.96 19.94 -17.95
C VAL A 550 22.70 19.68 -18.76
N GLU A 551 22.57 20.33 -19.90
CA GLU A 551 21.45 20.01 -20.79
C GLU A 551 21.45 18.54 -21.16
N ARG A 552 22.61 17.99 -21.55
CA ARG A 552 22.68 16.56 -21.85
C ARG A 552 22.25 15.71 -20.66
N CYS A 553 22.61 16.10 -19.43
CA CYS A 553 22.14 15.32 -18.28
C CYS A 553 20.63 15.40 -18.15
N ILE A 554 20.08 16.62 -18.12
CA ILE A 554 18.63 16.72 -17.99
C ILE A 554 17.93 16.09 -19.18
N ASP A 555 18.52 16.21 -20.40
CA ASP A 555 17.98 15.50 -21.57
C ASP A 555 17.93 13.99 -21.34
N TRP A 556 19.04 13.40 -20.87
CA TRP A 556 19.02 11.97 -20.56
C TRP A 556 17.82 11.63 -19.68
N ASN A 557 17.64 12.38 -18.60
CA ASN A 557 16.53 12.09 -17.70
C ASN A 557 15.19 12.35 -18.38
N ARG A 558 15.13 13.36 -19.22
CA ARG A 558 13.91 13.60 -19.98
C ARG A 558 13.50 12.33 -20.70
N GLU A 559 14.45 11.69 -21.39
CA GLU A 559 14.08 10.49 -22.13
C GLU A 559 13.67 9.36 -21.18
N LEU A 560 14.26 9.32 -19.98
CA LEU A 560 13.85 8.33 -18.98
C LEU A 560 12.41 8.57 -18.57
N LEU A 561 12.08 9.79 -18.16
CA LEU A 561 10.71 10.12 -17.78
C LEU A 561 9.72 9.82 -18.90
N LYS A 562 10.05 10.19 -20.14
CA LYS A 562 9.20 9.86 -21.28
C LYS A 562 8.86 8.37 -21.27
N ARG A 563 9.88 7.51 -21.33
CA ARG A 563 9.63 6.08 -21.34
C ARG A 563 8.87 5.64 -20.10
N GLU A 564 9.45 5.86 -18.91
CA GLU A 564 8.91 5.23 -17.71
C GLU A 564 7.58 5.84 -17.26
N LEU A 565 7.21 6.98 -17.78
CA LEU A 565 5.95 7.61 -17.43
C LEU A 565 5.02 7.74 -18.62
N GLY A 566 5.39 7.16 -19.77
CA GLY A 566 4.62 7.28 -20.98
C GLY A 566 4.18 8.69 -21.23
N LEU A 567 5.13 9.57 -21.53
CA LEU A 567 4.91 11.00 -21.55
C LEU A 567 5.12 11.56 -22.94
N ALA A 568 4.26 12.47 -23.34
CA ALA A 568 4.41 13.17 -24.60
C ALA A 568 4.97 14.57 -24.36
N GLU A 569 5.82 15.02 -25.28
CA GLU A 569 6.42 16.34 -25.14
C GLU A 569 5.37 17.36 -24.73
N SER A 570 4.13 17.21 -25.22
CA SER A 570 3.01 18.10 -24.86
C SER A 570 2.71 18.10 -23.37
N ASP A 571 3.31 17.20 -22.60
CA ASP A 571 3.16 17.17 -21.16
C ASP A 571 4.38 17.71 -20.42
N ILE A 572 5.28 18.38 -21.13
CA ILE A 572 6.55 18.82 -20.55
C ILE A 572 6.70 20.32 -20.79
N ILE A 573 7.13 21.03 -19.75
CA ILE A 573 7.33 22.47 -19.84
C ILE A 573 8.74 22.75 -19.33
N ASP A 574 9.57 23.39 -20.16
CA ASP A 574 10.97 23.63 -19.84
C ASP A 574 11.08 24.99 -19.17
N ILE A 575 11.49 25.00 -17.92
CA ILE A 575 11.65 26.24 -17.14
C ILE A 575 13.08 26.74 -17.34
N PRO A 576 13.26 27.95 -17.86
CA PRO A 576 14.63 28.46 -18.07
C PRO A 576 15.41 28.41 -16.77
N GLN A 577 16.61 27.87 -16.85
CA GLN A 577 17.39 27.74 -15.64
C GLN A 577 18.86 27.49 -15.97
N LEU A 578 19.75 28.29 -15.39
CA LEU A 578 21.17 28.18 -15.65
C LEU A 578 21.85 27.34 -14.56
N PHE A 579 23.05 26.83 -14.89
CA PHE A 579 23.83 26.04 -13.94
C PHE A 579 25.30 26.40 -14.09
N LYS A 580 26.10 25.87 -13.17
CA LYS A 580 27.55 26.06 -13.18
C LYS A 580 28.16 24.83 -12.54
N LEU A 581 29.29 24.37 -13.06
CA LEU A 581 29.94 23.18 -12.50
C LEU A 581 30.94 23.61 -11.44
N LYS A 582 30.80 23.07 -10.24
CA LYS A 582 31.56 23.55 -9.09
C LYS A 582 32.51 22.45 -8.65
N GLU A 583 32.37 21.98 -7.42
CA GLU A 583 33.37 21.14 -6.80
C GLU A 583 33.26 19.73 -7.38
N PHE A 584 34.38 19.20 -7.86
CA PHE A 584 34.41 17.85 -8.46
C PHE A 584 33.50 17.76 -9.70
N SER A 585 33.44 18.85 -10.48
CA SER A 585 32.69 18.92 -11.73
C SER A 585 31.25 18.42 -11.57
N LYS A 586 30.63 18.78 -10.46
CA LYS A 586 29.21 18.60 -10.22
C LYS A 586 28.50 19.93 -10.44
N ALA A 587 27.20 19.86 -10.69
CA ALA A 587 26.43 21.03 -11.09
C ALA A 587 25.83 21.74 -9.88
N GLU A 588 25.66 23.04 -10.01
CA GLU A 588 24.96 23.85 -9.02
C GLU A 588 24.05 24.82 -9.75
N ALA A 589 22.91 25.12 -9.13
CA ALA A 589 21.97 26.08 -9.70
C ALA A 589 22.65 27.43 -9.81
N PHE A 590 22.71 27.97 -11.03
CA PHE A 590 23.41 29.24 -11.20
C PHE A 590 22.71 30.35 -10.43
N PHE A 591 21.44 30.54 -10.70
CA PHE A 591 20.59 31.42 -9.93
C PHE A 591 19.49 30.60 -9.27
N PRO A 592 18.71 31.19 -8.33
CA PRO A 592 17.75 30.37 -7.56
C PRO A 592 17.00 29.33 -8.38
N ASN A 593 17.00 28.09 -7.91
CA ASN A 593 16.46 26.93 -8.62
C ASN A 593 14.94 27.01 -8.69
N MET A 594 14.41 27.49 -9.82
CA MET A 594 13.01 27.81 -9.95
C MET A 594 12.11 26.58 -10.12
N VAL A 595 12.64 25.42 -10.51
CA VAL A 595 11.80 24.21 -10.52
C VAL A 595 11.51 23.72 -9.11
N ASN A 596 12.51 23.75 -8.24
CA ASN A 596 12.31 23.64 -6.80
C ASN A 596 11.31 24.69 -6.31
N MET A 597 10.02 24.51 -6.61
CA MET A 597 8.97 25.44 -6.22
C MET A 597 7.93 24.76 -5.34
N LEU A 598 7.17 25.57 -4.61
CA LEU A 598 6.04 25.09 -3.82
C LEU A 598 4.76 25.16 -4.65
N VAL A 599 4.22 24.00 -4.98
CA VAL A 599 2.97 23.86 -5.72
C VAL A 599 1.86 23.62 -4.69
N LEU A 600 1.05 24.63 -4.43
CA LEU A 600 -0.09 24.48 -3.53
C LEU A 600 -1.38 24.58 -4.35
N GLY A 601 -1.77 23.45 -4.95
CA GLY A 601 -2.87 23.48 -5.90
C GLY A 601 -2.45 24.20 -7.15
N LYS A 602 -3.13 25.30 -7.50
CA LYS A 602 -2.82 26.07 -8.71
C LYS A 602 -2.03 27.33 -8.42
N HIS A 603 -1.54 27.51 -7.18
CA HIS A 603 -0.78 28.69 -6.77
C HIS A 603 0.67 28.28 -6.55
N LEU A 604 1.57 28.79 -7.39
CA LEU A 604 2.97 28.41 -7.31
C LEU A 604 3.75 29.49 -6.56
N GLY A 605 4.47 29.07 -5.52
CA GLY A 605 5.50 29.92 -4.95
C GLY A 605 6.84 29.58 -5.58
N ILE A 606 7.36 30.46 -6.43
CA ILE A 606 8.58 30.17 -7.19
C ILE A 606 9.75 30.97 -6.63
N PRO A 607 10.93 30.38 -6.48
CA PRO A 607 12.07 31.14 -5.94
C PRO A 607 12.47 32.28 -6.87
N LYS A 608 12.53 33.49 -6.32
CA LYS A 608 12.82 34.66 -7.13
C LYS A 608 14.20 34.51 -7.77
N PRO A 609 14.30 34.47 -9.10
CA PRO A 609 15.61 34.27 -9.73
C PRO A 609 16.51 35.49 -9.66
N PHE A 610 15.98 36.68 -9.38
CA PHE A 610 16.74 37.92 -9.50
C PHE A 610 17.31 38.06 -10.93
N GLY A 611 16.40 38.01 -11.91
CA GLY A 611 16.79 38.07 -13.30
C GLY A 611 17.07 39.48 -13.76
N PRO A 612 17.59 39.60 -14.99
CA PRO A 612 17.87 40.94 -15.53
C PRO A 612 16.58 41.69 -15.78
N VAL A 613 16.47 42.87 -15.16
CA VAL A 613 15.26 43.69 -15.23
C VAL A 613 15.26 44.45 -16.56
N ILE A 614 14.34 44.09 -17.44
CA ILE A 614 14.18 44.71 -18.76
C ILE A 614 12.85 45.43 -18.78
N ASN A 615 12.91 46.76 -18.97
CA ASN A 615 11.73 47.62 -19.02
C ASN A 615 10.81 47.38 -17.85
N GLY A 616 11.40 47.35 -16.66
CA GLY A 616 10.61 47.16 -15.45
C GLY A 616 9.91 45.83 -15.37
N ARG A 617 10.48 44.78 -15.97
CA ARG A 617 9.90 43.44 -15.90
C ARG A 617 11.01 42.41 -16.06
N CYS A 618 11.25 41.60 -15.03
CA CYS A 618 12.26 40.55 -15.12
C CYS A 618 11.84 39.54 -16.19
N CYS A 619 12.68 39.38 -17.20
CA CYS A 619 12.35 38.51 -18.31
C CYS A 619 12.14 37.06 -17.85
N LEU A 620 12.88 36.61 -16.83
CA LEU A 620 12.77 35.24 -16.38
C LEU A 620 11.42 34.98 -15.73
N GLU A 621 10.98 35.87 -14.84
CA GLU A 621 9.63 35.77 -14.32
C GLU A 621 8.61 35.80 -15.46
N GLU A 622 8.70 36.82 -16.31
CA GLU A 622 7.78 36.96 -17.45
C GLU A 622 7.72 35.68 -18.27
N LYS A 623 8.87 35.04 -18.47
CA LYS A 623 8.92 33.83 -19.26
C LYS A 623 8.20 32.68 -18.55
N VAL A 624 8.29 32.64 -17.22
CA VAL A 624 7.72 31.53 -16.49
C VAL A 624 6.23 31.73 -16.25
N CYS A 625 5.81 32.95 -16.00
CA CYS A 625 4.38 33.22 -16.06
C CYS A 625 3.82 32.79 -17.42
N SER A 626 4.43 33.27 -18.51
CA SER A 626 3.98 32.92 -19.85
C SER A 626 3.86 31.41 -20.05
N LEU A 627 4.72 30.63 -19.40
CA LEU A 627 4.66 29.18 -19.55
C LEU A 627 3.54 28.56 -18.71
N LEU A 628 3.33 29.03 -17.49
CA LEU A 628 2.46 28.34 -16.54
C LEU A 628 1.06 28.91 -16.45
N GLU A 629 0.90 30.22 -16.67
CA GLU A 629 -0.44 30.80 -16.59
C GLU A 629 -1.42 30.24 -17.62
N PRO A 630 -1.02 29.85 -18.84
CA PRO A 630 -1.97 29.18 -19.73
C PRO A 630 -2.65 27.96 -19.12
N LEU A 631 -1.93 27.18 -18.31
CA LEU A 631 -2.52 26.10 -17.54
C LEU A 631 -3.21 26.61 -16.30
N GLY A 632 -3.37 27.91 -16.17
CA GLY A 632 -4.10 28.49 -15.05
C GLY A 632 -3.41 28.38 -13.71
N LEU A 633 -2.06 28.40 -13.68
CA LEU A 633 -1.36 28.48 -12.40
C LEU A 633 -1.12 29.93 -12.00
N GLN A 634 -1.09 30.18 -10.69
CA GLN A 634 -0.92 31.53 -10.13
C GLN A 634 0.51 31.68 -9.63
N CYS A 635 1.31 32.46 -10.36
CA CYS A 635 2.76 32.54 -10.15
C CYS A 635 3.12 33.64 -9.16
N THR A 636 3.86 33.26 -8.12
CA THR A 636 4.24 34.17 -7.04
C THR A 636 5.68 33.87 -6.65
N PHE A 637 6.54 34.89 -6.64
CA PHE A 637 7.98 34.70 -6.51
C PHE A 637 8.44 35.16 -5.13
N ILE A 638 9.17 34.28 -4.43
CA ILE A 638 9.51 34.44 -3.02
C ILE A 638 10.98 34.74 -2.77
N ASN A 639 11.56 34.14 -1.72
CA ASN A 639 12.94 34.33 -1.32
C ASN A 639 13.52 32.98 -0.91
N ASP A 640 14.76 32.72 -1.33
CA ASP A 640 15.50 31.54 -0.94
C ASP A 640 14.87 30.26 -1.47
N CYS A 653 16.44 26.31 7.19
CA CYS A 653 15.43 25.28 6.95
C CYS A 653 14.41 25.76 5.94
N GLY A 654 13.50 24.87 5.57
CA GLY A 654 12.41 25.24 4.67
C GLY A 654 11.04 24.93 5.25
N THR A 655 10.15 24.46 4.40
CA THR A 655 8.77 24.09 4.75
C THR A 655 8.43 22.76 4.09
N ASN A 656 7.38 22.11 4.60
CA ASN A 656 6.87 20.87 3.99
C ASN A 656 5.40 21.08 3.67
N VAL A 657 4.80 20.10 2.99
CA VAL A 657 3.40 20.18 2.62
C VAL A 657 2.77 18.79 2.72
N ARG A 658 1.62 18.73 3.38
CA ARG A 658 0.80 17.52 3.42
C ARG A 658 -0.33 17.65 2.40
N ARG A 659 -0.43 16.70 1.47
CA ARG A 659 -1.42 16.75 0.41
C ARG A 659 -2.42 15.61 0.55
N LYS A 660 -3.64 15.88 0.10
CA LYS A 660 -4.73 14.93 0.23
C LYS A 660 -4.42 13.63 -0.51
N PRO A 661 -4.62 12.47 0.11
CA PRO A 661 -4.32 11.19 -0.54
C PRO A 661 -5.19 10.98 -1.76
N PHE A 662 -4.75 10.05 -2.61
CA PHE A 662 -5.54 9.73 -3.79
C PHE A 662 -6.87 9.15 -3.39
N SER A 663 -7.92 9.48 -4.15
CA SER A 663 -9.17 8.78 -3.93
C SER A 663 -9.02 7.30 -4.31
N PHE A 664 -8.22 7.01 -5.34
CA PHE A 664 -7.94 5.63 -5.68
C PHE A 664 -7.32 4.89 -4.50
N LYS A 665 -7.90 3.73 -4.19
CA LYS A 665 -7.53 2.93 -3.03
C LYS A 665 -6.45 1.94 -3.45
N TRP A 666 -5.28 2.04 -2.83
CA TRP A 666 -4.12 1.32 -3.34
C TRP A 666 -4.41 -0.15 -3.54
N TRP A 667 -5.29 -0.73 -2.74
CA TRP A 667 -5.53 -2.16 -2.87
C TRP A 667 -6.19 -2.53 -4.18
N ASN A 668 -6.75 -1.57 -4.93
CA ASN A 668 -7.33 -1.89 -6.24
C ASN A 668 -6.34 -1.81 -7.38
N MET A 669 -5.15 -1.28 -7.16
CA MET A 669 -4.14 -1.40 -8.20
C MET A 669 -3.71 -2.86 -8.30
N VAL A 670 -3.06 -3.21 -9.40
CA VAL A 670 -2.50 -4.54 -9.60
C VAL A 670 -1.05 -4.34 -10.03
N PRO A 671 -0.10 -4.21 -9.09
CA PRO A 671 1.33 -4.12 -9.38
C PRO A 671 1.80 -5.31 -10.22
#